data_1JYQ
#
_entry.id   1JYQ
#
_cell.length_a   60.999
_cell.length_b   60.999
_cell.length_c   177.046
_cell.angle_alpha   90.00
_cell.angle_beta   90.00
_cell.angle_gamma   120.00
#
_symmetry.space_group_name_H-M   'P 61 2 2'
#
loop_
_entity.id
_entity.type
_entity.pdbx_description
1 polymer 'GROWTH FACTOR RECEPTOR-BOUND PROTEIN 2'
2 polymer 'mAZ-pY-(alpha Me)pY-N-NH2 peptide inhibitor'
3 water water
#
loop_
_entity_poly.entity_id
_entity_poly.type
_entity_poly.pdbx_seq_one_letter_code
_entity_poly.pdbx_strand_id
1 'polypeptide(L)'
;GSMAWFFGKIPRAKAEEMLSKQRHDGAFLIRESESAPGDFSLSVKFGNDVQHFKVLRDGAGKYFLWVVKFNSLNELVDYH
RSTSVSRNQQIFLRDI
;
A,B
2 'polypeptide(L)' (MAZ)(PTR)(PTM)N L,H
#
# COMPACT_ATOMS: atom_id res chain seq x y z
N GLY A 1 9.89 6.36 -6.83
CA GLY A 1 9.89 4.99 -7.33
C GLY A 1 8.83 4.34 -6.47
N SER A 2 8.50 3.09 -6.72
CA SER A 2 7.48 2.45 -5.89
C SER A 2 8.13 2.24 -4.47
N MET A 3 7.29 2.00 -3.44
CA MET A 3 7.80 1.87 -2.09
C MET A 3 8.45 0.52 -1.89
N ALA A 4 9.70 0.58 -1.48
CA ALA A 4 10.42 -0.69 -1.27
C ALA A 4 9.92 -1.52 -0.08
N TRP A 5 9.13 -0.92 0.78
CA TRP A 5 8.70 -1.62 1.98
C TRP A 5 7.30 -2.20 1.84
N PHE A 6 6.60 -1.95 0.71
CA PHE A 6 5.21 -2.45 0.63
C PHE A 6 5.23 -3.82 -0.10
N PHE A 7 4.82 -4.88 0.60
CA PHE A 7 4.88 -6.23 0.04
C PHE A 7 3.55 -6.86 -0.34
N GLY A 8 2.47 -6.09 -0.31
CA GLY A 8 1.24 -6.67 -0.74
C GLY A 8 0.78 -7.78 0.21
N LYS A 9 0.10 -8.76 -0.36
CA LYS A 9 -0.46 -9.87 0.41
C LYS A 9 0.60 -11.00 0.60
N ILE A 10 1.41 -10.95 1.64
CA ILE A 10 2.36 -12.05 1.87
C ILE A 10 1.94 -12.51 3.28
N PRO A 11 1.94 -13.80 3.54
CA PRO A 11 1.57 -14.35 4.85
C PRO A 11 2.54 -13.86 5.91
N ARG A 12 2.04 -13.78 7.14
CA ARG A 12 2.82 -13.42 8.31
C ARG A 12 4.06 -14.29 8.39
N ALA A 13 3.90 -15.61 8.22
CA ALA A 13 5.03 -16.50 8.35
C ALA A 13 6.09 -16.21 7.29
N LYS A 14 5.68 -15.83 6.08
CA LYS A 14 6.68 -15.56 5.04
C LYS A 14 7.41 -14.25 5.38
N ALA A 15 6.68 -13.25 5.89
CA ALA A 15 7.30 -11.97 6.30
C ALA A 15 8.31 -12.26 7.44
N GLU A 16 7.96 -13.12 8.41
CA GLU A 16 8.98 -13.38 9.46
C GLU A 16 10.23 -14.11 8.91
N GLU A 17 10.04 -15.11 8.07
CA GLU A 17 11.19 -15.81 7.49
C GLU A 17 12.11 -14.83 6.72
N MET A 18 11.51 -13.94 5.94
CA MET A 18 12.30 -12.95 5.15
C MET A 18 12.99 -11.95 6.08
N LEU A 19 12.27 -11.41 7.07
CA LEU A 19 12.93 -10.44 7.96
C LEU A 19 13.97 -11.07 8.87
N SER A 20 13.80 -12.32 9.24
CA SER A 20 14.76 -12.92 10.13
C SER A 20 16.11 -13.07 9.48
N LYS A 21 16.17 -13.06 8.15
CA LYS A 21 17.45 -13.20 7.43
C LYS A 21 18.15 -11.81 7.23
N GLN A 22 17.49 -10.72 7.61
CA GLN A 22 18.13 -9.44 7.40
C GLN A 22 19.16 -9.16 8.46
N ARG A 23 20.18 -8.42 8.09
CA ARG A 23 21.23 -8.14 9.07
C ARG A 23 20.90 -7.14 10.13
N HIS A 24 20.22 -6.06 9.75
CA HIS A 24 19.94 -5.02 10.75
C HIS A 24 18.59 -5.02 11.42
N ASP A 25 18.61 -4.66 12.70
CA ASP A 25 17.42 -4.47 13.50
C ASP A 25 16.65 -3.31 12.90
N GLY A 26 15.34 -3.42 12.89
CA GLY A 26 14.57 -2.37 12.28
C GLY A 26 14.22 -2.69 10.82
N ALA A 27 14.89 -3.67 10.21
CA ALA A 27 14.49 -4.06 8.83
C ALA A 27 12.96 -4.36 8.96
N PHE A 28 12.17 -3.96 7.95
CA PHE A 28 10.74 -4.11 8.05
C PHE A 28 10.04 -4.15 6.70
N LEU A 29 8.75 -4.40 6.80
CA LEU A 29 7.87 -4.33 5.62
C LEU A 29 6.41 -4.11 6.07
N ILE A 30 5.56 -3.63 5.17
CA ILE A 30 4.16 -3.49 5.45
C ILE A 30 3.54 -4.55 4.53
N ARG A 31 2.58 -5.30 5.05
CA ARG A 31 1.92 -6.35 4.26
C ARG A 31 0.41 -6.17 4.47
N GLU A 32 -0.41 -6.72 3.56
CA GLU A 32 -1.85 -6.63 3.71
C GLU A 32 -2.16 -7.84 4.61
N SER A 33 -2.88 -7.61 5.70
CA SER A 33 -3.15 -8.70 6.65
C SER A 33 -4.06 -9.80 5.96
N GLU A 34 -3.73 -11.06 6.20
CA GLU A 34 -4.54 -12.16 5.76
C GLU A 34 -5.55 -12.50 6.85
N SER A 35 -5.23 -12.26 8.14
CA SER A 35 -6.21 -12.55 9.20
C SER A 35 -7.33 -11.50 9.26
N ALA A 36 -7.06 -10.22 8.94
CA ALA A 36 -8.09 -9.18 8.94
C ALA A 36 -8.01 -8.48 7.55
N PRO A 37 -8.72 -9.03 6.55
CA PRO A 37 -8.72 -8.48 5.19
C PRO A 37 -9.06 -6.99 5.18
N GLY A 38 -8.26 -6.21 4.48
CA GLY A 38 -8.51 -4.76 4.48
C GLY A 38 -7.61 -3.99 5.44
N ASP A 39 -6.97 -4.74 6.35
CA ASP A 39 -6.05 -4.18 7.34
C ASP A 39 -4.58 -4.36 6.87
N PHE A 40 -3.69 -3.51 7.37
CA PHE A 40 -2.27 -3.58 7.07
C PHE A 40 -1.54 -3.97 8.37
N SER A 41 -0.48 -4.71 8.25
CA SER A 41 0.35 -5.11 9.40
C SER A 41 1.78 -4.68 9.03
N LEU A 42 2.54 -4.29 10.03
CA LEU A 42 3.94 -3.84 9.90
C LEU A 42 4.79 -4.90 10.61
N SER A 43 5.67 -5.55 9.91
CA SER A 43 6.54 -6.59 10.50
C SER A 43 7.92 -5.97 10.59
N VAL A 44 8.60 -6.22 11.72
CA VAL A 44 9.87 -5.57 11.97
C VAL A 44 10.84 -6.48 12.70
N LYS A 45 12.07 -6.51 12.21
CA LYS A 45 13.12 -7.31 12.82
C LYS A 45 13.63 -6.69 14.12
N PHE A 46 13.42 -7.40 15.25
CA PHE A 46 13.93 -7.01 16.58
C PHE A 46 15.00 -8.06 17.03
N GLY A 47 16.28 -7.81 16.85
CA GLY A 47 17.29 -8.78 17.31
C GLY A 47 16.88 -10.21 16.95
N ASN A 48 16.70 -11.00 18.01
CA ASN A 48 16.31 -12.40 17.93
C ASN A 48 14.90 -12.71 17.51
N ASP A 49 14.08 -11.70 17.22
CA ASP A 49 12.70 -11.99 16.83
C ASP A 49 12.13 -10.98 15.86
N VAL A 50 11.04 -11.36 15.21
CA VAL A 50 10.31 -10.48 14.32
C VAL A 50 9.03 -10.18 15.03
N GLN A 51 8.73 -8.89 15.17
CA GLN A 51 7.53 -8.47 15.80
C GLN A 51 6.54 -7.99 14.76
N HIS A 52 5.25 -8.14 15.06
CA HIS A 52 4.20 -7.71 14.16
C HIS A 52 3.29 -6.71 14.88
N PHE A 53 3.00 -5.60 14.23
CA PHE A 53 2.15 -4.56 14.74
C PHE A 53 0.95 -4.44 13.87
N LYS A 54 -0.24 -4.21 14.44
N LYS A 54 -0.22 -4.19 14.45
CA LYS A 54 -1.39 -4.00 13.57
CA LYS A 54 -1.38 -3.98 13.61
C LYS A 54 -1.36 -2.50 13.27
C LYS A 54 -1.46 -2.49 13.31
N VAL A 55 -1.77 -2.12 12.05
CA VAL A 55 -1.86 -0.73 11.72
C VAL A 55 -3.31 -0.42 12.02
N LEU A 56 -3.51 0.33 13.08
CA LEU A 56 -4.86 0.66 13.50
C LEU A 56 -5.43 1.85 12.70
N ARG A 57 -6.76 1.98 12.71
CA ARG A 57 -7.43 3.07 12.00
C ARG A 57 -8.41 3.74 12.95
N ASP A 58 -8.71 5.00 12.69
CA ASP A 58 -9.76 5.63 13.47
C ASP A 58 -10.87 5.97 12.53
N GLY A 59 -11.96 6.52 13.07
CA GLY A 59 -13.08 6.87 12.23
C GLY A 59 -12.71 7.93 11.23
N ALA A 60 -11.74 8.75 11.57
CA ALA A 60 -11.32 9.76 10.61
C ALA A 60 -10.53 9.13 9.44
N GLY A 61 -10.21 7.83 9.54
CA GLY A 61 -9.47 7.20 8.43
C GLY A 61 -7.95 7.22 8.64
N LYS A 62 -7.51 7.81 9.74
CA LYS A 62 -6.08 7.88 10.03
C LYS A 62 -5.50 6.50 10.29
N TYR A 63 -4.19 6.35 10.17
CA TYR A 63 -3.51 5.12 10.49
C TYR A 63 -2.65 5.39 11.74
N PHE A 64 -2.47 4.39 12.57
CA PHE A 64 -1.63 4.59 13.74
C PHE A 64 -1.20 3.28 14.33
N LEU A 65 -0.13 3.38 15.12
CA LEU A 65 0.41 2.23 15.83
C LEU A 65 0.04 2.32 17.34
N TRP A 66 0.15 3.51 17.92
CA TRP A 66 -0.05 3.71 19.36
C TRP A 66 -1.03 4.86 19.56
N VAL A 67 -0.54 6.09 19.57
CA VAL A 67 -1.43 7.23 19.70
C VAL A 67 -1.27 8.34 18.61
N VAL A 68 -0.08 8.66 18.13
CA VAL A 68 0.09 9.66 17.08
C VAL A 68 -0.59 9.12 15.83
N LYS A 69 -1.33 9.96 15.10
CA LYS A 69 -2.10 9.50 13.92
C LYS A 69 -1.49 10.04 12.63
N PHE A 70 -1.60 9.23 11.57
CA PHE A 70 -1.00 9.60 10.27
C PHE A 70 -2.01 9.59 9.13
N ASN A 71 -1.83 10.51 8.19
CA ASN A 71 -2.79 10.55 7.07
C ASN A 71 -2.53 9.47 6.02
N SER A 72 -1.41 8.78 6.14
CA SER A 72 -1.12 7.71 5.16
C SER A 72 -0.15 6.64 5.74
N LEU A 73 -0.10 5.50 5.07
CA LEU A 73 0.85 4.49 5.48
C LEU A 73 2.23 5.09 5.30
N ASN A 74 2.43 5.78 4.18
CA ASN A 74 3.78 6.35 3.90
C ASN A 74 4.25 7.27 5.04
N GLU A 75 3.30 8.07 5.58
CA GLU A 75 3.65 9.00 6.65
C GLU A 75 3.97 8.26 7.97
N LEU A 76 3.20 7.19 8.21
CA LEU A 76 3.41 6.33 9.39
C LEU A 76 4.83 5.74 9.36
N VAL A 77 5.20 5.19 8.21
CA VAL A 77 6.51 4.59 8.05
C VAL A 77 7.64 5.61 8.26
N ASP A 78 7.50 6.74 7.60
CA ASP A 78 8.55 7.71 7.64
C ASP A 78 8.68 8.32 9.06
N TYR A 79 7.58 8.50 9.74
CA TYR A 79 7.67 9.00 11.09
C TYR A 79 8.57 8.06 11.96
N HIS A 80 8.37 6.75 11.80
CA HIS A 80 9.10 5.70 12.52
C HIS A 80 10.49 5.36 12.03
N ARG A 81 10.90 6.17 11.07
CA ARG A 81 12.30 6.08 10.66
C ARG A 81 13.10 6.95 11.66
N SER A 82 12.41 7.85 12.36
CA SER A 82 13.03 8.83 13.32
C SER A 82 12.60 8.66 14.79
N THR A 83 11.47 8.02 15.00
CA THR A 83 10.95 7.79 16.34
C THR A 83 10.80 6.26 16.45
N SER A 84 11.25 5.68 17.56
CA SER A 84 11.21 4.21 17.75
C SER A 84 9.83 3.60 17.63
N VAL A 85 9.70 2.38 17.14
CA VAL A 85 8.35 1.75 17.18
C VAL A 85 8.12 1.08 18.58
N SER A 86 9.21 0.95 19.35
CA SER A 86 9.26 0.32 20.68
C SER A 86 9.37 1.31 21.85
N ARG A 87 8.70 1.06 22.97
CA ARG A 87 8.79 1.93 24.13
C ARG A 87 10.01 1.60 24.97
N ASN A 88 10.45 0.34 24.92
CA ASN A 88 11.60 -0.14 25.70
C ASN A 88 12.96 -0.14 25.07
N GLN A 89 13.04 -0.25 23.76
CA GLN A 89 14.36 -0.20 23.11
C GLN A 89 14.18 0.71 21.91
N GLN A 90 15.27 1.29 21.43
CA GLN A 90 15.20 2.21 20.28
C GLN A 90 15.28 1.43 18.96
N ILE A 91 14.12 1.24 18.34
CA ILE A 91 14.09 0.50 17.07
C ILE A 91 13.42 1.37 16.05
N PHE A 92 14.20 1.72 15.03
CA PHE A 92 13.78 2.54 13.92
C PHE A 92 13.65 1.70 12.66
N LEU A 93 12.65 2.02 11.87
CA LEU A 93 12.38 1.29 10.61
C LEU A 93 13.49 1.56 9.61
N ARG A 94 14.08 0.52 9.04
CA ARG A 94 15.17 0.64 8.03
C ARG A 94 14.76 -0.20 6.81
N ASP A 95 14.93 0.35 5.60
CA ASP A 95 14.54 -0.40 4.41
C ASP A 95 15.42 -1.68 4.28
N ILE A 96 14.84 -2.79 3.86
CA ILE A 96 15.62 -4.03 3.73
C ILE A 96 16.82 -3.88 2.81
N GLY B 1 9.04 -9.98 -3.67
CA GLY B 1 9.62 -8.64 -3.35
C GLY B 1 8.50 -7.64 -3.21
N SER B 2 8.84 -6.38 -3.12
CA SER B 2 7.88 -5.31 -2.97
C SER B 2 7.04 -5.12 -4.23
N MET B 3 5.89 -4.46 -4.07
CA MET B 3 5.01 -4.30 -5.23
C MET B 3 5.46 -3.14 -6.12
N ALA B 4 5.60 -3.42 -7.41
CA ALA B 4 6.06 -2.43 -8.38
C ALA B 4 5.06 -1.30 -8.55
N TRP B 5 3.81 -1.54 -8.20
CA TRP B 5 2.79 -0.56 -8.41
C TRP B 5 2.40 0.30 -7.21
N PHE B 6 3.00 0.12 -6.04
CA PHE B 6 2.55 0.95 -4.89
C PHE B 6 3.50 2.16 -4.71
N PHE B 7 2.95 3.38 -4.93
CA PHE B 7 3.79 4.59 -4.85
C PHE B 7 3.65 5.46 -3.63
N GLY B 8 2.90 4.96 -2.64
CA GLY B 8 2.81 5.70 -1.43
C GLY B 8 2.14 7.03 -1.62
N LYS B 9 2.57 8.03 -0.85
N LYS B 9 2.60 8.02 -0.85
CA LYS B 9 1.90 9.31 -0.96
CA LYS B 9 1.97 9.32 -0.93
C LYS B 9 2.56 10.29 -1.95
C LYS B 9 2.63 10.26 -1.96
N ILE B 10 2.11 10.20 -3.20
CA ILE B 10 2.56 11.12 -4.25
C ILE B 10 1.27 11.84 -4.65
N PRO B 11 1.40 13.07 -5.13
CA PRO B 11 0.19 13.80 -5.51
C PRO B 11 -0.46 13.23 -6.78
N ARG B 12 -1.73 13.51 -6.90
CA ARG B 12 -2.54 13.13 -8.10
C ARG B 12 -1.83 13.71 -9.33
N ALA B 13 -1.37 14.98 -9.24
CA ALA B 13 -0.67 15.61 -10.36
C ALA B 13 0.59 14.87 -10.76
N LYS B 14 1.30 14.31 -9.79
CA LYS B 14 2.54 13.56 -10.07
C LYS B 14 2.18 12.26 -10.78
N ALA B 15 1.11 11.60 -10.33
CA ALA B 15 0.71 10.34 -10.97
C ALA B 15 0.33 10.67 -12.42
N GLU B 16 -0.34 11.79 -12.66
CA GLU B 16 -0.70 12.12 -14.04
C GLU B 16 0.54 12.39 -14.91
N GLU B 17 1.47 13.16 -14.37
N GLU B 17 1.48 13.15 -14.36
CA GLU B 17 2.71 13.44 -15.09
CA GLU B 17 2.73 13.45 -15.04
C GLU B 17 3.46 12.16 -15.41
C GLU B 17 3.43 12.15 -15.40
N MET B 18 3.57 11.24 -14.44
CA MET B 18 4.25 9.99 -14.70
C MET B 18 3.55 9.09 -15.76
N LEU B 19 2.24 8.88 -15.57
CA LEU B 19 1.54 7.98 -16.46
C LEU B 19 1.31 8.55 -17.84
N SER B 20 1.22 9.87 -17.96
CA SER B 20 0.99 10.47 -19.25
C SER B 20 2.18 10.21 -20.15
N LYS B 21 3.35 9.99 -19.58
CA LYS B 21 4.53 9.70 -20.40
C LYS B 21 4.62 8.21 -20.86
N GLN B 22 3.79 7.36 -20.26
CA GLN B 22 3.79 5.91 -20.55
C GLN B 22 3.21 5.67 -21.91
N ARG B 23 3.71 4.68 -22.61
CA ARG B 23 3.22 4.44 -23.96
C ARG B 23 2.00 3.51 -24.03
N HIS B 24 1.80 2.65 -23.02
CA HIS B 24 0.68 1.70 -23.06
C HIS B 24 -0.53 1.95 -22.19
N ASP B 25 -1.72 1.83 -22.76
CA ASP B 25 -2.93 2.00 -22.01
C ASP B 25 -2.95 0.93 -20.89
N GLY B 26 -3.41 1.34 -19.71
CA GLY B 26 -3.43 0.41 -18.60
C GLY B 26 -2.19 0.57 -17.70
N ALA B 27 -1.13 1.29 -18.12
CA ALA B 27 0.02 1.53 -17.21
C ALA B 27 -0.66 2.17 -15.96
N PHE B 28 -0.25 1.81 -14.73
CA PHE B 28 -0.94 2.32 -13.58
C PHE B 28 -0.10 2.34 -12.33
N LEU B 29 -0.70 2.93 -11.33
CA LEU B 29 -0.08 2.93 -10.02
C LEU B 29 -1.15 3.11 -8.98
N ILE B 30 -0.82 2.72 -7.74
CA ILE B 30 -1.75 2.95 -6.67
C ILE B 30 -1.04 3.93 -5.74
N ARG B 31 -1.78 4.94 -5.29
CA ARG B 31 -1.17 5.95 -4.38
C ARG B 31 -2.12 6.19 -3.25
N GLU B 32 -1.59 6.82 -2.19
CA GLU B 32 -2.40 7.19 -1.02
C GLU B 32 -2.93 8.61 -1.28
N SER B 33 -4.25 8.73 -1.30
CA SER B 33 -4.88 9.98 -1.61
C SER B 33 -4.49 11.08 -0.62
N GLU B 34 -4.22 12.29 -1.13
CA GLU B 34 -3.93 13.42 -0.28
C GLU B 34 -5.23 14.17 -0.04
N SER B 35 -6.13 14.23 -1.05
CA SER B 35 -7.40 14.96 -0.83
C SER B 35 -8.37 14.17 0.07
N ALA B 36 -8.27 12.84 0.10
CA ALA B 36 -9.13 11.98 0.93
C ALA B 36 -8.19 11.10 1.73
N PRO B 37 -7.60 11.67 2.78
CA PRO B 37 -6.68 10.89 3.60
C PRO B 37 -7.28 9.55 4.00
N GLY B 38 -6.55 8.45 3.87
CA GLY B 38 -7.11 7.16 4.26
C GLY B 38 -7.74 6.43 3.10
N ASP B 39 -7.89 7.10 1.95
CA ASP B 39 -8.39 6.44 0.73
C ASP B 39 -7.19 6.15 -0.20
N PHE B 40 -7.27 5.04 -0.94
CA PHE B 40 -6.26 4.76 -1.93
C PHE B 40 -6.84 5.19 -3.28
N SER B 41 -5.98 5.63 -4.17
CA SER B 41 -6.39 6.05 -5.52
C SER B 41 -5.60 5.23 -6.54
N LEU B 42 -6.28 4.68 -7.55
CA LEU B 42 -5.60 3.87 -8.57
C LEU B 42 -5.55 4.76 -9.83
N SER B 43 -4.37 5.22 -10.27
CA SER B 43 -4.27 6.14 -11.42
C SER B 43 -3.91 5.24 -12.62
N VAL B 44 -4.59 5.50 -13.75
N VAL B 44 -4.54 5.49 -13.78
CA VAL B 44 -4.47 4.64 -14.94
CA VAL B 44 -4.31 4.60 -14.90
C VAL B 44 -4.40 5.42 -16.24
C VAL B 44 -4.40 5.36 -16.22
N LYS B 45 -3.49 5.05 -17.11
CA LYS B 45 -3.39 5.70 -18.39
C LYS B 45 -4.45 5.12 -19.33
N PHE B 46 -5.31 6.00 -19.83
CA PHE B 46 -6.35 5.70 -20.82
C PHE B 46 -5.99 6.52 -22.09
N GLY B 47 -5.19 5.97 -22.97
CA GLY B 47 -4.89 6.65 -24.24
C GLY B 47 -4.41 8.07 -24.00
N ASN B 48 -5.36 8.94 -24.26
CA ASN B 48 -5.27 10.37 -24.16
C ASN B 48 -5.11 10.97 -22.73
N ASP B 49 -5.86 10.41 -21.78
CA ASP B 49 -5.96 10.92 -20.42
C ASP B 49 -5.44 9.93 -19.36
N VAL B 50 -5.32 10.43 -18.13
CA VAL B 50 -4.99 9.57 -17.04
C VAL B 50 -6.20 9.62 -16.23
N GLN B 51 -6.81 8.47 -15.97
CA GLN B 51 -8.05 8.43 -15.16
C GLN B 51 -7.67 8.05 -13.71
N HIS B 52 -8.49 8.49 -12.76
CA HIS B 52 -8.22 8.21 -11.37
C HIS B 52 -9.44 7.51 -10.82
N PHE B 53 -9.21 6.32 -10.25
CA PHE B 53 -10.24 5.56 -9.67
C PHE B 53 -10.08 5.61 -8.15
N LYS B 54 -11.19 5.75 -7.45
CA LYS B 54 -11.16 5.64 -5.99
C LYS B 54 -11.22 4.17 -5.60
N VAL B 55 -10.32 3.69 -4.72
CA VAL B 55 -10.43 2.30 -4.27
C VAL B 55 -11.52 2.24 -3.16
N LEU B 56 -12.67 1.68 -3.45
CA LEU B 56 -13.77 1.71 -2.46
C LEU B 56 -13.62 0.59 -1.43
N ARG B 57 -14.24 0.71 -0.26
CA ARG B 57 -14.16 -0.29 0.79
C ARG B 57 -15.54 -0.56 1.27
N ASP B 58 -15.88 -1.84 1.44
CA ASP B 58 -17.21 -2.14 1.92
C ASP B 58 -17.21 -2.21 3.47
N GLY B 59 -18.37 -2.54 4.04
CA GLY B 59 -18.54 -2.61 5.49
C GLY B 59 -17.61 -3.62 6.15
N ALA B 60 -17.10 -4.60 5.43
CA ALA B 60 -16.16 -5.56 6.04
C ALA B 60 -14.67 -5.14 5.81
N GLY B 61 -14.45 -4.04 5.11
CA GLY B 61 -13.09 -3.57 4.84
C GLY B 61 -12.50 -4.06 3.51
N LYS B 62 -13.26 -4.86 2.78
CA LYS B 62 -12.80 -5.37 1.49
C LYS B 62 -12.76 -4.23 0.45
N TYR B 63 -11.89 -4.38 -0.54
CA TYR B 63 -11.65 -3.38 -1.57
C TYR B 63 -12.37 -3.71 -2.88
N PHE B 64 -12.79 -2.66 -3.60
CA PHE B 64 -13.41 -2.82 -4.92
C PHE B 64 -13.34 -1.58 -5.81
N LEU B 65 -13.51 -1.79 -7.12
CA LEU B 65 -13.58 -0.67 -8.07
C LEU B 65 -15.05 -0.42 -8.51
N TRP B 66 -15.78 -1.49 -8.78
CA TRP B 66 -17.13 -1.46 -9.27
C TRP B 66 -18.06 -2.36 -8.38
N VAL B 67 -17.99 -3.67 -8.51
CA VAL B 67 -18.84 -4.57 -7.71
C VAL B 67 -18.07 -5.75 -7.07
N VAL B 68 -17.15 -6.36 -7.79
CA VAL B 68 -16.42 -7.48 -7.22
C VAL B 68 -15.51 -7.02 -6.06
N LYS B 69 -15.52 -7.76 -4.93
CA LYS B 69 -14.72 -7.35 -3.75
C LYS B 69 -13.48 -8.16 -3.61
N PHE B 70 -12.46 -7.55 -3.02
CA PHE B 70 -11.19 -8.23 -2.85
C PHE B 70 -10.67 -8.15 -1.43
N ASN B 71 -9.90 -9.18 -1.03
CA ASN B 71 -9.36 -9.21 0.33
C ASN B 71 -8.12 -8.33 0.56
N SER B 72 -7.54 -7.79 -0.53
CA SER B 72 -6.33 -6.94 -0.44
C SER B 72 -6.21 -6.13 -1.73
N LEU B 73 -5.39 -5.10 -1.68
CA LEU B 73 -5.14 -4.29 -2.89
C LEU B 73 -4.49 -5.17 -3.93
N ASN B 74 -3.59 -6.08 -3.48
CA ASN B 74 -2.81 -6.96 -4.34
C ASN B 74 -3.75 -7.82 -5.20
N GLU B 75 -4.82 -8.34 -4.58
CA GLU B 75 -5.75 -9.18 -5.34
C GLU B 75 -6.59 -8.33 -6.29
N LEU B 76 -6.95 -7.12 -5.90
CA LEU B 76 -7.71 -6.24 -6.76
C LEU B 76 -6.87 -5.90 -8.00
N VAL B 77 -5.58 -5.64 -7.77
CA VAL B 77 -4.70 -5.31 -8.83
C VAL B 77 -4.55 -6.53 -9.77
N ASP B 78 -4.25 -7.71 -9.21
CA ASP B 78 -4.05 -8.84 -10.09
C ASP B 78 -5.29 -9.19 -10.91
N TYR B 79 -6.46 -9.11 -10.31
CA TYR B 79 -7.69 -9.41 -11.05
C TYR B 79 -7.85 -8.45 -12.26
N HIS B 80 -7.51 -7.17 -12.04
CA HIS B 80 -7.64 -6.20 -13.15
C HIS B 80 -6.51 -6.25 -14.17
N ARG B 81 -5.60 -7.20 -14.02
CA ARG B 81 -4.65 -7.36 -15.09
C ARG B 81 -5.35 -8.19 -16.22
N SER B 82 -6.51 -8.77 -15.96
CA SER B 82 -7.20 -9.56 -16.98
C SER B 82 -8.68 -9.28 -17.12
N THR B 83 -9.16 -8.35 -16.30
CA THR B 83 -10.53 -7.86 -16.38
C THR B 83 -10.37 -6.36 -16.54
N SER B 84 -11.05 -5.80 -17.53
CA SER B 84 -10.86 -4.38 -17.76
C SER B 84 -11.30 -3.44 -16.62
N VAL B 85 -10.61 -2.34 -16.41
CA VAL B 85 -11.13 -1.42 -15.39
C VAL B 85 -12.15 -0.48 -16.05
N SER B 86 -12.30 -0.58 -17.37
CA SER B 86 -13.20 0.33 -18.09
C SER B 86 -14.46 -0.40 -18.50
N ARG B 87 -15.60 0.30 -18.51
CA ARG B 87 -16.78 -0.40 -18.96
C ARG B 87 -16.94 -0.40 -20.49
N ASN B 88 -16.37 0.58 -21.15
CA ASN B 88 -16.52 0.73 -22.59
C ASN B 88 -15.33 0.29 -23.43
N GLN B 89 -14.15 0.16 -22.83
CA GLN B 89 -12.98 -0.19 -23.54
C GLN B 89 -12.32 -1.28 -22.71
N GLN B 90 -11.43 -2.01 -23.35
CA GLN B 90 -10.69 -3.05 -22.67
C GLN B 90 -9.35 -2.41 -22.29
N ILE B 91 -9.22 -2.07 -21.01
CA ILE B 91 -7.99 -1.50 -20.43
C ILE B 91 -7.61 -2.40 -19.23
N PHE B 92 -6.49 -3.13 -19.38
CA PHE B 92 -5.96 -4.03 -18.37
C PHE B 92 -4.73 -3.40 -17.68
N LEU B 93 -4.67 -3.58 -16.35
CA LEU B 93 -3.56 -3.06 -15.58
C LEU B 93 -2.18 -3.64 -16.03
N ARG B 94 -1.20 -2.78 -16.30
CA ARG B 94 0.15 -3.19 -16.69
C ARG B 94 1.12 -2.36 -15.82
N ASP B 95 2.15 -3.00 -15.28
CA ASP B 95 3.09 -2.34 -14.38
C ASP B 95 3.91 -1.26 -15.08
N ILE B 96 4.23 -0.18 -14.37
CA ILE B 96 5.04 0.80 -15.11
C ILE B 96 6.53 0.50 -15.07
N ASN C 4 1.52 -4.32 19.44
CA ASN C 4 0.77 -3.19 19.92
C ASN C 4 -0.70 -3.60 20.11
N ASN D 4 -14.85 6.24 -11.23
CA ASN D 4 -15.83 5.26 -10.71
C ASN D 4 -16.56 5.80 -9.52
#